data_8HGB
#
_entry.id   8HGB
#
_cell.length_a   44.551
_cell.length_b   51.708
_cell.length_c   78.797
_cell.angle_alpha   90.00
_cell.angle_beta   93.14
_cell.angle_gamma   90.00
#
_symmetry.space_group_name_H-M   'P 1 21 1'
#
loop_
_entity.id
_entity.type
_entity.pdbx_description
1 polymer 'Cytochrome P450'
2 non-polymer 'PROTOPORPHYRIN IX CONTAINING FE'
3 non-polymer '4-methoxy-3-oxidanyl-benzoic acid'
4 non-polymer GLYCEROL
5 water water
#
_entity_poly.entity_id   1
_entity_poly.type   'polypeptide(L)'
_entity_poly.pdbx_seq_one_letter_code
;MGMISNSSAESISAPPNDSTIPHLAIDPFSLDFFDDPYPDQQTLRDAGPVVYLDKWNVYGVARYAEVHAVLNDPTTFCSS
RGVGLSDFKKEKPWRPPSLILEADPPAHTRPRAVLSKVLSPATMKTIRDGFAAAADAKVDELLQRGCIDAIADLAEAYPL
SVFPDAMGLKQEGREHLLPYAGLVGNAFGPPNELRQTAIERSAPHQAYVNEQCQRPNLAPGGFGACIHAFTDTGEITPDE
APLLVRSLLSAGLDTTVNGIGAAVYCLARFPGELQRLRSDPTLARNAFEEAVRFESPVQTFFRTTTREVELGGAVIGEGE
KVLMFLGSANRDPRRWSDPDLYDITRKTSGHVGFGSGVHMCVGQLVARLEGEVMLSALARKVAAIDIDGPVKRRFNNTLR
GLESLPVKLTPALEHHHHHH
;
_entity_poly.pdbx_strand_id   A
#
loop_
_chem_comp.id
_chem_comp.type
_chem_comp.name
_chem_comp.formula
GOL non-polymer GLYCEROL 'C3 H8 O3'
HEM non-polymer 'PROTOPORPHYRIN IX CONTAINING FE' 'C34 H32 Fe N4 O4'
L6X non-polymer '4-methoxy-3-oxidanyl-benzoic acid' 'C8 H8 O4'
#
# COMPACT_ATOMS: atom_id res chain seq x y z
N THR A 20 -4.61 14.37 30.52
CA THR A 20 -3.72 15.11 29.63
C THR A 20 -3.89 14.67 28.17
N ILE A 21 -4.17 13.38 27.97
CA ILE A 21 -4.37 12.82 26.64
C ILE A 21 -5.87 12.64 26.42
N PRO A 22 -6.43 13.14 25.32
CA PRO A 22 -7.86 12.94 25.08
C PRO A 22 -8.17 11.50 24.71
N HIS A 23 -9.27 10.99 25.24
CA HIS A 23 -9.76 9.65 24.97
C HIS A 23 -10.93 9.75 23.99
N LEU A 24 -10.86 9.00 22.90
CA LEU A 24 -11.93 9.00 21.91
C LEU A 24 -12.45 7.60 21.71
N ALA A 25 -13.74 7.51 21.36
CA ALA A 25 -14.43 6.26 21.12
C ALA A 25 -14.48 5.89 19.65
N ILE A 26 -13.87 6.72 18.78
CA ILE A 26 -13.85 6.45 17.35
C ILE A 26 -13.19 5.10 17.11
N ASP A 27 -13.84 4.26 16.30
CA ASP A 27 -13.26 3.00 15.87
C ASP A 27 -12.74 3.16 14.46
N PRO A 28 -11.43 3.30 14.25
CA PRO A 28 -10.91 3.47 12.89
C PRO A 28 -10.91 2.20 12.06
N PHE A 29 -11.39 1.09 12.61
CA PHE A 29 -11.51 -0.15 11.85
C PHE A 29 -12.97 -0.54 11.67
N SER A 30 -13.90 0.39 11.86
CA SER A 30 -15.31 0.12 11.66
C SER A 30 -15.71 0.45 10.23
N LEU A 31 -16.77 -0.22 9.76
CA LEU A 31 -17.24 0.02 8.40
C LEU A 31 -17.70 1.45 8.21
N ASP A 32 -18.30 2.06 9.23
CA ASP A 32 -18.71 3.46 9.12
C ASP A 32 -17.51 4.37 8.89
N PHE A 33 -16.40 4.10 9.59
CA PHE A 33 -15.19 4.86 9.38
C PHE A 33 -14.65 4.68 7.97
N PHE A 34 -14.55 3.42 7.52
CA PHE A 34 -14.06 3.13 6.17
C PHE A 34 -14.91 3.83 5.11
N ASP A 35 -16.23 3.85 5.31
CA ASP A 35 -17.13 4.44 4.33
C ASP A 35 -16.82 5.93 4.12
N ASP A 36 -16.49 6.63 5.20
CA ASP A 36 -16.09 8.03 5.09
C ASP A 36 -15.20 8.41 6.26
N PRO A 37 -13.88 8.26 6.10
CA PRO A 37 -12.96 8.46 7.21
C PRO A 37 -12.59 9.91 7.47
N TYR A 38 -12.86 10.81 6.53
CA TYR A 38 -12.20 12.11 6.57
C TYR A 38 -12.71 13.00 7.70
N PRO A 39 -14.02 13.08 7.97
CA PRO A 39 -14.45 13.82 9.17
C PRO A 39 -13.83 13.28 10.45
N ASP A 40 -13.84 11.97 10.65
CA ASP A 40 -13.27 11.43 11.89
C ASP A 40 -11.76 11.65 11.96
N GLN A 41 -11.07 11.62 10.81
CA GLN A 41 -9.64 11.92 10.81
C GLN A 41 -9.37 13.36 11.24
N GLN A 42 -10.22 14.31 10.84
CA GLN A 42 -10.07 15.66 11.35
C GLN A 42 -10.32 15.71 12.85
N THR A 43 -11.34 14.99 13.33
CA THR A 43 -11.58 14.94 14.77
C THR A 43 -10.36 14.40 15.51
N LEU A 44 -9.74 13.35 14.96
CA LEU A 44 -8.55 12.79 15.57
C LEU A 44 -7.38 13.77 15.56
N ARG A 45 -7.19 14.49 14.45
CA ARG A 45 -6.11 15.48 14.40
C ARG A 45 -6.36 16.61 15.38
N ASP A 46 -7.59 17.12 15.41
CA ASP A 46 -7.84 18.34 16.16
C ASP A 46 -7.99 18.08 17.66
N ALA A 47 -8.15 16.82 18.06
CA ALA A 47 -8.25 16.51 19.48
C ALA A 47 -6.92 16.73 20.19
N GLY A 48 -5.80 16.57 19.48
CA GLY A 48 -4.49 16.77 20.04
C GLY A 48 -3.46 15.98 19.25
N PRO A 49 -2.18 16.24 19.51
CA PRO A 49 -1.13 15.51 18.78
C PRO A 49 -1.11 14.03 19.09
N VAL A 50 -1.51 13.62 20.29
CA VAL A 50 -1.57 12.20 20.67
C VAL A 50 -2.93 11.95 21.30
N VAL A 51 -3.64 10.94 20.82
CA VAL A 51 -4.93 10.56 21.37
C VAL A 51 -4.83 9.14 21.91
N TYR A 52 -5.82 8.77 22.73
CA TYR A 52 -5.98 7.40 23.18
C TYR A 52 -7.30 6.87 22.66
N LEU A 53 -7.27 5.73 21.98
CA LEU A 53 -8.45 5.12 21.37
C LEU A 53 -8.97 4.05 22.31
N ASP A 54 -10.04 4.38 23.05
CA ASP A 54 -10.55 3.49 24.10
C ASP A 54 -11.08 2.18 23.54
N LYS A 55 -11.51 2.18 22.28
CA LYS A 55 -12.07 0.96 21.69
C LYS A 55 -11.06 -0.17 21.68
N TRP A 56 -9.78 0.15 21.41
CA TRP A 56 -8.76 -0.85 21.20
C TRP A 56 -7.58 -0.73 22.16
N ASN A 57 -7.60 0.24 23.07
CA ASN A 57 -6.52 0.45 24.04
C ASN A 57 -5.17 0.68 23.36
N VAL A 58 -5.15 1.63 22.43
CA VAL A 58 -3.94 2.02 21.72
C VAL A 58 -3.87 3.53 21.69
N TYR A 59 -2.65 4.04 21.56
CA TYR A 59 -2.43 5.44 21.27
C TYR A 59 -2.57 5.68 19.77
N GLY A 60 -2.96 6.89 19.41
CA GLY A 60 -3.08 7.26 18.01
C GLY A 60 -2.42 8.59 17.72
N VAL A 61 -1.80 8.68 16.55
CA VAL A 61 -1.28 9.94 16.04
C VAL A 61 -1.81 10.13 14.61
N ALA A 62 -2.47 11.26 14.38
CA ALA A 62 -3.12 11.50 13.09
C ALA A 62 -2.59 12.73 12.36
N ARG A 63 -1.78 13.56 12.99
CA ARG A 63 -1.18 14.70 12.30
C ARG A 63 0.11 14.30 11.60
N TYR A 64 0.45 15.05 10.54
CA TYR A 64 1.68 14.76 9.81
C TYR A 64 2.90 14.73 10.72
N ALA A 65 3.03 15.72 11.60
CA ALA A 65 4.26 15.89 12.37
C ALA A 65 4.56 14.66 13.22
N GLU A 66 3.56 14.17 13.98
CA GLU A 66 3.79 13.04 14.87
C GLU A 66 3.94 11.74 14.09
N VAL A 67 3.17 11.57 13.02
CA VAL A 67 3.31 10.36 12.20
C VAL A 67 4.72 10.30 11.63
N HIS A 68 5.22 11.41 11.09
CA HIS A 68 6.57 11.45 10.55
C HIS A 68 7.61 11.18 11.63
N ALA A 69 7.40 11.75 12.83
CA ALA A 69 8.33 11.53 13.93
C ALA A 69 8.36 10.07 14.35
N VAL A 70 7.19 9.43 14.45
CA VAL A 70 7.13 8.03 14.85
C VAL A 70 7.83 7.15 13.82
N LEU A 71 7.49 7.34 12.53
CA LEU A 71 8.10 6.56 11.47
C LEU A 71 9.62 6.64 11.51
N ASN A 72 10.17 7.79 11.90
CA ASN A 72 11.60 8.03 11.81
C ASN A 72 12.33 7.80 13.13
N ASP A 73 11.68 7.16 14.09
CA ASP A 73 12.33 6.72 15.33
C ASP A 73 12.07 5.23 15.52
N PRO A 74 12.71 4.38 14.72
CA PRO A 74 12.44 2.94 14.82
C PRO A 74 12.97 2.32 16.10
N THR A 75 13.95 2.95 16.76
CA THR A 75 14.46 2.40 18.01
C THR A 75 13.41 2.48 19.10
N THR A 76 12.74 3.62 19.21
CA THR A 76 11.69 3.77 20.22
C THR A 76 10.39 3.12 19.76
N PHE A 77 10.03 3.31 18.49
CA PHE A 77 8.76 2.82 17.94
C PHE A 77 9.07 1.66 17.01
N CYS A 78 9.18 0.46 17.58
CA CYS A 78 9.73 -0.65 16.83
C CYS A 78 8.67 -1.34 16.00
N SER A 79 9.14 -2.18 15.07
CA SER A 79 8.27 -2.97 14.22
C SER A 79 8.28 -4.46 14.52
N SER A 80 9.26 -4.95 15.28
CA SER A 80 9.41 -6.39 15.50
C SER A 80 8.38 -6.97 16.46
N ARG A 81 7.62 -6.14 17.17
CA ARG A 81 6.48 -6.63 17.93
C ARG A 81 5.19 -6.53 17.14
N GLY A 82 5.30 -6.36 15.83
CA GLY A 82 4.16 -6.33 14.95
C GLY A 82 3.78 -4.93 14.55
N VAL A 83 3.40 -4.74 13.29
CA VAL A 83 2.89 -3.45 12.84
C VAL A 83 1.37 -3.49 12.72
N GLY A 84 0.74 -4.55 13.23
CA GLY A 84 -0.69 -4.58 13.46
C GLY A 84 -1.02 -4.38 14.93
N LEU A 85 -2.30 -4.58 15.26
CA LEU A 85 -2.72 -4.39 16.65
C LEU A 85 -2.03 -5.38 17.58
N SER A 86 -1.91 -6.63 17.13
CA SER A 86 -1.34 -7.66 17.99
C SER A 86 0.12 -7.37 18.32
N ASP A 87 0.47 -7.58 19.59
CA ASP A 87 1.82 -7.44 20.10
C ASP A 87 2.43 -8.84 20.13
N PHE A 88 3.46 -9.08 19.31
CA PHE A 88 4.06 -10.41 19.23
C PHE A 88 4.72 -10.85 20.53
N LYS A 89 4.94 -9.93 21.47
CA LYS A 89 5.44 -10.31 22.78
C LYS A 89 4.32 -10.88 23.66
N LYS A 90 3.07 -10.68 23.27
CA LYS A 90 1.90 -11.14 24.02
C LYS A 90 1.13 -12.25 23.31
N GLU A 91 1.01 -12.19 21.99
CA GLU A 91 0.24 -13.15 21.21
C GLU A 91 1.12 -13.76 20.13
N LYS A 92 0.68 -14.89 19.62
CA LYS A 92 1.41 -15.55 18.54
C LYS A 92 1.05 -14.89 17.21
N PRO A 93 2.03 -14.57 16.37
CA PRO A 93 1.72 -14.00 15.05
C PRO A 93 0.93 -14.99 14.21
N TRP A 94 0.03 -14.46 13.36
CA TRP A 94 -0.84 -15.34 12.59
C TRP A 94 -0.07 -16.12 11.50
N ARG A 95 1.09 -15.63 11.08
CA ARG A 95 2.02 -16.29 10.19
C ARG A 95 3.42 -15.94 10.68
N PRO A 96 4.44 -16.70 10.28
CA PRO A 96 5.81 -16.31 10.67
C PRO A 96 6.07 -14.88 10.27
N PRO A 97 6.62 -14.07 11.18
CA PRO A 97 6.76 -12.63 10.89
C PRO A 97 7.62 -12.36 9.67
N SER A 98 7.28 -11.30 8.96
CA SER A 98 8.08 -10.86 7.81
C SER A 98 9.50 -10.53 8.27
N LEU A 99 10.48 -10.95 7.47
CA LEU A 99 11.88 -10.68 7.79
C LEU A 99 12.28 -9.24 7.53
N ILE A 100 11.42 -8.44 6.93
CA ILE A 100 11.72 -7.05 6.64
C ILE A 100 10.73 -6.10 7.31
N LEU A 101 9.42 -6.31 7.07
CA LEU A 101 8.42 -5.40 7.62
C LEU A 101 8.35 -5.48 9.13
N GLU A 102 8.54 -6.69 9.68
CA GLU A 102 8.39 -6.94 11.11
C GLU A 102 9.73 -7.27 11.76
N ALA A 103 10.79 -6.66 11.25
CA ALA A 103 12.12 -6.71 11.85
C ALA A 103 12.60 -5.29 12.06
N ASP A 104 13.44 -5.11 13.08
CA ASP A 104 14.09 -3.86 13.40
C ASP A 104 15.57 -3.92 13.01
N PRO A 105 16.22 -2.78 12.82
CA PRO A 105 17.68 -2.80 12.69
C PRO A 105 18.30 -3.37 13.95
N PRO A 106 19.37 -4.19 13.83
CA PRO A 106 20.11 -4.51 12.61
C PRO A 106 19.58 -5.71 11.80
N ALA A 107 18.68 -6.53 12.35
CA ALA A 107 18.24 -7.70 11.60
C ALA A 107 17.51 -7.30 10.32
N HIS A 108 16.91 -6.12 10.31
CA HIS A 108 16.23 -5.60 9.13
C HIS A 108 17.19 -5.30 7.97
N THR A 109 18.43 -4.96 8.29
CA THR A 109 19.26 -4.19 7.37
C THR A 109 19.64 -4.99 6.12
N ARG A 110 20.15 -6.20 6.30
CA ARG A 110 20.60 -6.92 5.11
C ARG A 110 19.44 -7.45 4.26
N PRO A 111 18.37 -8.01 4.84
CA PRO A 111 17.21 -8.35 3.99
C PRO A 111 16.65 -7.14 3.25
N ARG A 112 16.63 -5.98 3.90
CA ARG A 112 16.23 -4.75 3.22
C ARG A 112 17.13 -4.47 2.02
N ALA A 113 18.45 -4.63 2.21
CA ALA A 113 19.38 -4.37 1.11
C ALA A 113 19.12 -5.27 -0.07
N VAL A 114 18.83 -6.56 0.20
CA VAL A 114 18.53 -7.50 -0.88
C VAL A 114 17.30 -7.04 -1.66
N LEU A 115 16.20 -6.73 -0.96
CA LEU A 115 15.01 -6.29 -1.69
C LEU A 115 15.26 -4.97 -2.41
N SER A 116 16.04 -4.08 -1.81
CA SER A 116 16.39 -2.83 -2.48
C SER A 116 17.11 -3.08 -3.80
N LYS A 117 18.02 -4.03 -3.82
CA LYS A 117 18.75 -4.30 -5.06
C LYS A 117 17.88 -5.04 -6.06
N VAL A 118 17.05 -5.96 -5.58
CA VAL A 118 16.17 -6.72 -6.46
C VAL A 118 15.19 -5.79 -7.16
N LEU A 119 14.70 -4.76 -6.46
CA LEU A 119 13.71 -3.82 -6.98
C LEU A 119 14.35 -2.45 -7.24
N SER A 120 15.58 -2.46 -7.76
CA SER A 120 16.42 -1.29 -7.80
C SER A 120 16.15 -0.45 -9.03
N PRO A 121 16.67 0.77 -9.05
CA PRO A 121 16.65 1.57 -10.29
C PRO A 121 17.14 0.82 -11.52
N ALA A 122 18.20 0.02 -11.37
CA ALA A 122 18.71 -0.73 -12.52
C ALA A 122 17.70 -1.78 -12.96
N THR A 123 17.02 -2.43 -12.01
CA THR A 123 15.99 -3.40 -12.40
C THR A 123 14.87 -2.73 -13.17
N MET A 124 14.50 -1.51 -12.78
CA MET A 124 13.40 -0.84 -13.46
C MET A 124 13.68 -0.65 -14.95
N LYS A 125 14.94 -0.36 -15.31
CA LYS A 125 15.27 -0.24 -16.73
C LYS A 125 15.00 -1.53 -17.50
N THR A 126 15.18 -2.69 -16.86
CA THR A 126 14.97 -3.95 -17.54
C THR A 126 13.49 -4.25 -17.79
N ILE A 127 12.58 -3.63 -17.02
CA ILE A 127 11.16 -3.98 -17.14
C ILE A 127 10.31 -2.86 -17.71
N ARG A 128 10.86 -1.64 -17.88
CA ARG A 128 10.00 -0.50 -18.18
C ARG A 128 9.35 -0.63 -19.56
N ASP A 129 10.10 -1.01 -20.59
CA ASP A 129 9.50 -1.10 -21.92
C ASP A 129 8.32 -2.06 -21.92
N GLY A 130 8.47 -3.22 -21.28
CA GLY A 130 7.38 -4.18 -21.26
C GLY A 130 6.20 -3.73 -20.42
N PHE A 131 6.48 -3.08 -19.29
CA PHE A 131 5.38 -2.57 -18.46
C PHE A 131 4.61 -1.49 -19.20
N ALA A 132 5.31 -0.63 -19.95
CA ALA A 132 4.64 0.44 -20.69
C ALA A 132 3.84 -0.11 -21.86
N ALA A 133 4.40 -1.06 -22.62
CA ALA A 133 3.64 -1.64 -23.72
C ALA A 133 2.38 -2.32 -23.22
N ALA A 134 2.46 -3.01 -22.08
CA ALA A 134 1.28 -3.66 -21.53
C ALA A 134 0.23 -2.65 -21.08
N ALA A 135 0.66 -1.50 -20.58
CA ALA A 135 -0.29 -0.45 -20.20
C ALA A 135 -0.97 0.12 -21.43
N ASP A 136 -0.19 0.45 -22.47
CA ASP A 136 -0.78 0.92 -23.72
C ASP A 136 -1.75 -0.10 -24.29
N ALA A 137 -1.38 -1.38 -24.27
CA ALA A 137 -2.24 -2.41 -24.82
C ALA A 137 -3.53 -2.55 -24.03
N LYS A 138 -3.46 -2.41 -22.70
CA LYS A 138 -4.66 -2.53 -21.88
C LYS A 138 -5.62 -1.39 -22.16
N VAL A 139 -5.11 -0.16 -22.26
CA VAL A 139 -6.01 0.96 -22.56
C VAL A 139 -6.60 0.81 -23.95
N ASP A 140 -5.80 0.34 -24.93
CA ASP A 140 -6.36 0.08 -26.26
C ASP A 140 -7.51 -0.91 -26.19
N GLU A 141 -7.31 -2.00 -25.43
CA GLU A 141 -8.36 -2.99 -25.26
C GLU A 141 -9.59 -2.39 -24.61
N LEU A 142 -9.40 -1.61 -23.54
CA LEU A 142 -10.54 -1.04 -22.82
C LEU A 142 -11.28 -0.02 -23.69
N LEU A 143 -10.57 0.71 -24.55
CA LEU A 143 -11.26 1.68 -25.41
C LEU A 143 -12.16 0.99 -26.43
N GLN A 144 -11.83 -0.25 -26.81
CA GLN A 144 -12.74 -0.98 -27.70
C GLN A 144 -14.03 -1.38 -26.97
N ARG A 145 -13.97 -1.57 -25.65
CA ARG A 145 -15.18 -1.89 -24.90
C ARG A 145 -15.98 -0.64 -24.54
N GLY A 146 -15.30 0.47 -24.26
CA GLY A 146 -15.99 1.71 -23.99
C GLY A 146 -16.40 1.82 -22.54
N CYS A 147 -17.38 1.04 -22.11
CA CYS A 147 -17.84 1.03 -20.73
C CYS A 147 -17.23 -0.16 -20.02
N ILE A 148 -16.43 0.12 -18.97
N ILE A 148 -16.43 0.12 -18.98
CA ILE A 148 -15.69 -0.92 -18.27
CA ILE A 148 -15.67 -0.88 -18.27
C ILE A 148 -15.76 -0.65 -16.77
C ILE A 148 -15.91 -0.74 -16.77
N ASP A 149 -15.27 -1.62 -16.00
CA ASP A 149 -15.16 -1.48 -14.56
C ASP A 149 -13.70 -1.14 -14.30
N ALA A 150 -13.43 0.11 -13.89
CA ALA A 150 -12.06 0.56 -13.74
C ALA A 150 -11.30 -0.17 -12.64
N ILE A 151 -11.98 -0.95 -11.79
CA ILE A 151 -11.25 -1.78 -10.83
C ILE A 151 -10.90 -3.09 -11.51
N ALA A 152 -11.88 -4.00 -11.65
CA ALA A 152 -11.62 -5.31 -12.24
C ALA A 152 -10.86 -5.22 -13.57
N ASP A 153 -11.29 -4.33 -14.46
CA ASP A 153 -10.81 -4.37 -15.84
C ASP A 153 -9.55 -3.54 -16.06
N LEU A 154 -9.14 -2.76 -15.07
CA LEU A 154 -8.02 -1.83 -15.26
C LEU A 154 -7.09 -1.86 -14.05
N ALA A 155 -7.56 -1.40 -12.90
CA ALA A 155 -6.72 -1.33 -11.71
C ALA A 155 -6.24 -2.71 -11.28
N GLU A 156 -7.09 -3.73 -11.42
CA GLU A 156 -6.69 -5.10 -11.14
C GLU A 156 -6.02 -5.74 -12.35
N ALA A 157 -6.66 -5.65 -13.53
CA ALA A 157 -6.17 -6.37 -14.70
C ALA A 157 -4.75 -5.97 -15.08
N TYR A 158 -4.44 -4.67 -15.02
CA TYR A 158 -3.11 -4.28 -15.50
C TYR A 158 -1.98 -4.75 -14.59
N PRO A 159 -1.99 -4.51 -13.27
CA PRO A 159 -0.92 -5.10 -12.44
C PRO A 159 -0.87 -6.62 -12.54
N LEU A 160 -2.02 -7.29 -12.63
CA LEU A 160 -1.99 -8.74 -12.80
C LEU A 160 -1.34 -9.15 -14.11
N SER A 161 -1.35 -8.28 -15.12
CA SER A 161 -0.77 -8.63 -16.40
C SER A 161 0.75 -8.47 -16.43
N VAL A 162 1.35 -7.77 -15.47
CA VAL A 162 2.77 -7.49 -15.50
C VAL A 162 3.51 -7.99 -14.26
N PHE A 163 2.93 -7.84 -13.07
CA PHE A 163 3.71 -8.11 -11.87
C PHE A 163 3.92 -9.60 -11.62
N PRO A 164 2.91 -10.48 -11.71
CA PRO A 164 3.19 -11.91 -11.52
C PRO A 164 4.23 -12.45 -12.48
N ASP A 165 4.21 -12.01 -13.75
CA ASP A 165 5.27 -12.41 -14.67
C ASP A 165 6.63 -11.89 -14.22
N ALA A 166 6.70 -10.61 -13.79
CA ALA A 166 7.98 -10.07 -13.36
C ALA A 166 8.50 -10.78 -12.12
N MET A 167 7.58 -11.28 -11.28
CA MET A 167 7.97 -12.12 -10.14
C MET A 167 8.57 -13.45 -10.58
N GLY A 168 8.18 -13.93 -11.76
CA GLY A 168 8.52 -15.29 -12.17
C GLY A 168 7.54 -16.36 -11.74
N LEU A 169 6.30 -16.01 -11.42
CA LEU A 169 5.29 -16.97 -10.99
C LEU A 169 4.74 -17.76 -12.16
N LYS A 170 4.43 -19.03 -11.92
CA LYS A 170 3.70 -19.81 -12.92
C LYS A 170 2.29 -19.23 -13.11
N GLN A 171 1.61 -19.69 -14.15
CA GLN A 171 0.27 -19.18 -14.44
C GLN A 171 -0.76 -19.70 -13.45
N GLU A 172 -0.69 -20.99 -13.10
CA GLU A 172 -1.70 -21.60 -12.26
C GLU A 172 -1.64 -21.03 -10.85
N GLY A 173 -2.82 -20.77 -10.29
CA GLY A 173 -2.94 -20.34 -8.90
C GLY A 173 -2.84 -18.86 -8.67
N ARG A 174 -2.69 -18.05 -9.71
CA ARG A 174 -2.55 -16.61 -9.51
C ARG A 174 -3.80 -16.00 -8.91
N GLU A 175 -4.95 -16.67 -9.02
CA GLU A 175 -6.16 -16.18 -8.37
C GLU A 175 -6.03 -16.08 -6.85
N HIS A 176 -5.00 -16.69 -6.26
CA HIS A 176 -4.79 -16.59 -4.82
C HIS A 176 -4.09 -15.31 -4.40
N LEU A 177 -3.52 -14.55 -5.34
CA LEU A 177 -2.64 -13.46 -4.97
C LEU A 177 -3.40 -12.32 -4.29
N LEU A 178 -4.45 -11.83 -4.92
CA LEU A 178 -5.20 -10.74 -4.33
C LEU A 178 -5.92 -11.19 -3.05
N PRO A 179 -6.53 -12.38 -3.00
CA PRO A 179 -7.10 -12.83 -1.71
C PRO A 179 -6.07 -12.94 -0.61
N TYR A 180 -4.87 -13.43 -0.90
CA TYR A 180 -3.83 -13.49 0.13
C TYR A 180 -3.47 -12.09 0.63
N ALA A 181 -3.31 -11.13 -0.30
CA ALA A 181 -2.96 -9.78 0.13
C ALA A 181 -4.07 -9.17 0.99
N GLY A 182 -5.33 -9.40 0.62
CA GLY A 182 -6.41 -8.87 1.44
C GLY A 182 -6.41 -9.45 2.83
N LEU A 183 -6.09 -10.74 2.93
CA LEU A 183 -5.94 -11.40 4.23
C LEU A 183 -4.84 -10.75 5.06
N VAL A 184 -3.68 -10.49 4.45
CA VAL A 184 -2.59 -9.83 5.16
C VAL A 184 -3.04 -8.47 5.67
N GLY A 185 -3.68 -7.68 4.82
CA GLY A 185 -4.17 -6.37 5.25
C GLY A 185 -5.17 -6.46 6.39
N ASN A 186 -6.11 -7.40 6.29
CA ASN A 186 -7.09 -7.54 7.38
C ASN A 186 -6.44 -8.03 8.66
N ALA A 187 -5.40 -8.86 8.55
CA ALA A 187 -4.79 -9.45 9.74
C ALA A 187 -3.96 -8.45 10.54
N PHE A 188 -3.55 -7.32 9.95
CA PHE A 188 -2.96 -6.24 10.74
C PHE A 188 -3.98 -5.60 11.67
N GLY A 189 -5.26 -5.75 11.39
CA GLY A 189 -6.28 -5.04 12.13
C GLY A 189 -6.55 -5.68 13.48
N PRO A 190 -7.51 -5.10 14.18
CA PRO A 190 -7.95 -5.68 15.46
C PRO A 190 -8.77 -6.94 15.21
N PRO A 191 -9.07 -7.71 16.26
CA PRO A 191 -9.86 -8.95 16.07
C PRO A 191 -11.35 -8.67 15.87
N ASN A 192 -11.68 -8.00 14.77
CA ASN A 192 -13.06 -7.77 14.38
C ASN A 192 -13.50 -8.83 13.37
N GLU A 193 -14.70 -8.66 12.82
CA GLU A 193 -15.25 -9.66 11.90
C GLU A 193 -14.44 -9.74 10.61
N LEU A 194 -13.97 -8.58 10.10
CA LEU A 194 -13.13 -8.60 8.91
C LEU A 194 -11.90 -9.48 9.11
N ARG A 195 -11.26 -9.37 10.27
CA ARG A 195 -10.05 -10.14 10.51
C ARG A 195 -10.38 -11.60 10.74
N GLN A 196 -11.39 -11.88 11.56
CA GLN A 196 -11.76 -13.26 11.88
C GLN A 196 -12.11 -14.03 10.62
N THR A 197 -12.91 -13.43 9.75
CA THR A 197 -13.35 -14.10 8.54
C THR A 197 -12.19 -14.29 7.56
N ALA A 198 -11.30 -13.29 7.45
CA ALA A 198 -10.13 -13.46 6.61
C ALA A 198 -9.31 -14.67 7.04
N ILE A 199 -9.03 -14.77 8.34
CA ILE A 199 -8.19 -15.87 8.81
C ILE A 199 -8.90 -17.19 8.62
N GLU A 200 -10.23 -17.23 8.84
CA GLU A 200 -10.98 -18.46 8.62
C GLU A 200 -10.84 -18.98 7.20
N ARG A 201 -10.73 -18.09 6.22
CA ARG A 201 -10.72 -18.47 4.82
C ARG A 201 -9.31 -18.63 4.27
N SER A 202 -8.29 -18.50 5.12
CA SER A 202 -6.93 -18.23 4.64
C SER A 202 -6.20 -19.45 4.10
N ALA A 203 -6.57 -20.65 4.53
CA ALA A 203 -5.71 -21.81 4.31
C ALA A 203 -5.30 -22.02 2.86
N PRO A 204 -6.22 -22.02 1.88
CA PRO A 204 -5.76 -22.26 0.49
C PRO A 204 -4.86 -21.16 -0.04
N HIS A 205 -5.07 -19.91 0.38
CA HIS A 205 -4.25 -18.82 -0.13
C HIS A 205 -2.85 -18.87 0.47
N GLN A 206 -2.73 -19.17 1.76
CA GLN A 206 -1.42 -19.32 2.39
C GLN A 206 -0.65 -20.48 1.80
N ALA A 207 -1.34 -21.59 1.50
CA ALA A 207 -0.65 -22.77 0.97
C ALA A 207 -0.08 -22.48 -0.40
N TYR A 208 -0.84 -21.77 -1.24
CA TYR A 208 -0.32 -21.43 -2.56
C TYR A 208 0.88 -20.49 -2.43
N VAL A 209 0.74 -19.43 -1.64
CA VAL A 209 1.80 -18.42 -1.55
C VAL A 209 3.07 -19.04 -0.99
N ASN A 210 2.97 -19.79 0.11
CA ASN A 210 4.17 -20.37 0.70
C ASN A 210 4.86 -21.32 -0.29
N GLU A 211 4.10 -22.07 -1.08
CA GLU A 211 4.75 -22.97 -2.04
C GLU A 211 5.47 -22.20 -3.15
N GLN A 212 4.89 -21.10 -3.64
CA GLN A 212 5.56 -20.38 -4.73
C GLN A 212 6.84 -19.68 -4.28
N CYS A 213 7.10 -19.60 -2.98
CA CYS A 213 8.31 -18.97 -2.47
C CYS A 213 9.54 -19.85 -2.60
N GLN A 214 9.37 -21.14 -2.89
CA GLN A 214 10.50 -22.04 -3.01
C GLN A 214 11.19 -21.84 -4.35
N ARG A 215 12.53 -21.91 -4.32
CA ARG A 215 13.33 -21.58 -5.50
C ARG A 215 12.91 -22.29 -6.77
N PRO A 216 12.59 -23.59 -6.79
CA PRO A 216 12.28 -24.25 -8.07
C PRO A 216 11.02 -23.73 -8.75
N ASN A 217 10.16 -23.01 -8.03
CA ASN A 217 8.88 -22.56 -8.55
C ASN A 217 8.95 -21.14 -9.10
N LEU A 218 10.14 -20.55 -9.18
CA LEU A 218 10.30 -19.16 -9.58
C LEU A 218 11.15 -19.11 -10.85
N ALA A 219 10.60 -18.47 -11.89
CA ALA A 219 11.19 -18.53 -13.22
C ALA A 219 12.48 -17.72 -13.29
N PRO A 220 13.44 -18.16 -14.12
CA PRO A 220 14.74 -17.49 -14.17
C PRO A 220 14.61 -16.00 -14.52
N GLY A 221 15.43 -15.18 -13.86
CA GLY A 221 15.47 -13.77 -14.16
C GLY A 221 14.43 -12.90 -13.46
N GLY A 222 13.38 -13.48 -12.88
CA GLY A 222 12.36 -12.70 -12.22
C GLY A 222 12.75 -12.31 -10.80
N PHE A 223 11.86 -11.53 -10.16
CA PHE A 223 12.16 -11.00 -8.83
C PHE A 223 12.43 -12.13 -7.84
N GLY A 224 11.61 -13.18 -7.88
CA GLY A 224 11.77 -14.27 -6.93
C GLY A 224 13.09 -14.99 -7.08
N ALA A 225 13.46 -15.30 -8.33
CA ALA A 225 14.73 -15.96 -8.57
C ALA A 225 15.90 -15.07 -8.17
N CYS A 226 15.77 -13.74 -8.36
CA CYS A 226 16.85 -12.84 -7.98
CA CYS A 226 16.86 -12.85 -7.99
C CYS A 226 17.04 -12.79 -6.47
N ILE A 227 15.94 -12.86 -5.72
CA ILE A 227 16.05 -12.95 -4.26
C ILE A 227 16.85 -14.19 -3.87
N HIS A 228 16.49 -15.34 -4.43
CA HIS A 228 17.22 -16.56 -4.13
C HIS A 228 18.67 -16.47 -4.55
N ALA A 229 18.95 -15.77 -5.65
CA ALA A 229 20.34 -15.64 -6.08
C ALA A 229 21.17 -14.85 -5.08
N PHE A 230 20.54 -13.97 -4.29
CA PHE A 230 21.27 -13.20 -3.30
C PHE A 230 21.63 -14.00 -2.07
N THR A 231 21.25 -15.28 -2.01
CA THR A 231 21.51 -16.07 -0.82
C THR A 231 22.97 -16.47 -0.66
N ASP A 232 23.88 -16.09 -1.57
CA ASP A 232 25.27 -16.49 -1.42
C ASP A 232 26.21 -15.31 -1.20
N THR A 233 25.67 -14.12 -0.96
CA THR A 233 26.48 -12.94 -0.69
C THR A 233 26.75 -12.73 0.79
N GLY A 234 26.09 -13.48 1.67
CA GLY A 234 26.16 -13.20 3.08
C GLY A 234 25.12 -12.22 3.58
N GLU A 235 24.25 -11.72 2.70
CA GLU A 235 23.21 -10.81 3.16
C GLU A 235 21.98 -11.56 3.66
N ILE A 236 21.63 -12.69 3.02
CA ILE A 236 20.57 -13.56 3.51
C ILE A 236 21.04 -14.99 3.29
N THR A 237 20.48 -15.90 4.10
CA THR A 237 20.79 -17.31 3.90
C THR A 237 19.73 -17.95 3.02
N PRO A 238 20.00 -19.14 2.48
CA PRO A 238 18.98 -19.80 1.65
C PRO A 238 17.65 -19.99 2.37
N ASP A 239 17.65 -20.25 3.68
CA ASP A 239 16.40 -20.42 4.40
C ASP A 239 15.66 -19.11 4.65
N GLU A 240 16.29 -17.96 4.42
CA GLU A 240 15.57 -16.68 4.52
C GLU A 240 14.90 -16.27 3.22
N ALA A 241 15.36 -16.79 2.08
CA ALA A 241 14.82 -16.34 0.80
C ALA A 241 13.33 -16.62 0.62
N PRO A 242 12.79 -17.80 0.99
CA PRO A 242 11.33 -17.99 0.83
C PRO A 242 10.51 -16.91 1.51
N LEU A 243 10.86 -16.51 2.75
CA LEU A 243 10.08 -15.49 3.42
C LEU A 243 10.21 -14.12 2.74
N LEU A 244 11.38 -13.81 2.16
CA LEU A 244 11.51 -12.55 1.45
C LEU A 244 10.72 -12.54 0.15
N VAL A 245 10.68 -13.68 -0.56
CA VAL A 245 9.74 -13.78 -1.68
C VAL A 245 8.33 -13.58 -1.17
N ARG A 246 8.01 -14.15 -0.01
CA ARG A 246 6.66 -13.99 0.55
C ARG A 246 6.31 -12.52 0.76
N SER A 247 7.30 -11.69 1.11
CA SER A 247 7.02 -10.26 1.25
C SER A 247 6.52 -9.67 -0.06
N LEU A 248 7.13 -10.05 -1.18
CA LEU A 248 6.71 -9.46 -2.44
C LEU A 248 5.35 -10.02 -2.87
N LEU A 249 5.06 -11.27 -2.55
CA LEU A 249 3.73 -11.81 -2.85
C LEU A 249 2.67 -11.25 -1.91
N SER A 250 3.07 -10.75 -0.72
CA SER A 250 2.12 -10.09 0.17
C SER A 250 1.79 -8.68 -0.28
N ALA A 251 2.82 -7.92 -0.65
CA ALA A 251 2.72 -6.48 -0.80
C ALA A 251 2.79 -6.02 -2.26
N GLY A 252 3.11 -6.90 -3.19
CA GLY A 252 3.43 -6.48 -4.55
C GLY A 252 2.28 -6.16 -5.48
N LEU A 253 1.03 -6.31 -5.03
CA LEU A 253 -0.12 -6.08 -5.92
C LEU A 253 -1.21 -5.17 -5.37
N ASP A 254 -1.74 -5.47 -4.17
CA ASP A 254 -3.03 -4.88 -3.80
C ASP A 254 -2.95 -3.37 -3.63
N THR A 255 -1.86 -2.84 -3.08
CA THR A 255 -1.78 -1.40 -2.93
C THR A 255 -1.59 -0.71 -4.29
N THR A 256 -0.95 -1.40 -5.25
CA THR A 256 -0.82 -0.85 -6.59
C THR A 256 -2.17 -0.81 -7.30
N VAL A 257 -2.92 -1.91 -7.19
CA VAL A 257 -4.31 -1.94 -7.66
C VAL A 257 -5.08 -0.77 -7.06
N ASN A 258 -5.03 -0.62 -5.74
CA ASN A 258 -5.82 0.44 -5.11
C ASN A 258 -5.34 1.83 -5.52
N GLY A 259 -4.02 2.02 -5.66
CA GLY A 259 -3.51 3.31 -6.09
C GLY A 259 -3.90 3.67 -7.50
N ILE A 260 -3.86 2.69 -8.42
CA ILE A 260 -4.29 2.97 -9.80
C ILE A 260 -5.79 3.25 -9.84
N GLY A 261 -6.57 2.44 -9.11
CA GLY A 261 -8.00 2.72 -9.05
C GLY A 261 -8.30 4.08 -8.46
N ALA A 262 -7.55 4.47 -7.43
CA ALA A 262 -7.72 5.80 -6.86
C ALA A 262 -7.42 6.90 -7.87
N ALA A 263 -6.35 6.71 -8.66
CA ALA A 263 -5.99 7.70 -9.67
C ALA A 263 -7.08 7.83 -10.72
N VAL A 264 -7.61 6.71 -11.17
CA VAL A 264 -8.70 6.80 -12.17
C VAL A 264 -9.92 7.48 -11.53
N TYR A 265 -10.23 7.13 -10.30
CA TYR A 265 -11.35 7.78 -9.58
C TYR A 265 -11.13 9.28 -9.50
N CYS A 266 -9.94 9.66 -9.15
CA CYS A 266 -9.63 11.10 -9.07
C CYS A 266 -9.77 11.76 -10.45
N LEU A 267 -9.27 11.13 -11.50
CA LEU A 267 -9.39 11.75 -12.83
C LEU A 267 -10.85 11.82 -13.28
N ALA A 268 -11.67 10.86 -12.86
CA ALA A 268 -13.09 10.90 -13.20
C ALA A 268 -13.82 11.98 -12.42
N ARG A 269 -13.42 12.18 -11.15
CA ARG A 269 -14.07 13.14 -10.27
C ARG A 269 -13.63 14.56 -10.52
N PHE A 270 -12.37 14.75 -10.94
CA PHE A 270 -11.77 16.06 -11.15
C PHE A 270 -11.40 16.17 -12.63
N PRO A 271 -12.40 16.34 -13.51
CA PRO A 271 -12.10 16.34 -14.95
C PRO A 271 -11.11 17.41 -15.36
N GLY A 272 -11.03 18.52 -14.60
CA GLY A 272 -10.06 19.54 -14.92
C GLY A 272 -8.64 19.02 -14.83
N GLU A 273 -8.40 18.10 -13.90
CA GLU A 273 -7.09 17.50 -13.78
C GLU A 273 -6.82 16.49 -14.89
N LEU A 274 -7.84 15.74 -15.34
CA LEU A 274 -7.64 14.92 -16.54
C LEU A 274 -7.26 15.78 -17.72
N GLN A 275 -7.88 16.96 -17.84
CA GLN A 275 -7.57 17.84 -18.97
C GLN A 275 -6.13 18.35 -18.89
N ARG A 276 -5.65 18.69 -17.71
CA ARG A 276 -4.24 19.06 -17.56
C ARG A 276 -3.34 17.89 -17.88
N LEU A 277 -3.69 16.70 -17.40
CA LEU A 277 -2.86 15.53 -17.67
C LEU A 277 -2.79 15.24 -19.17
N ARG A 278 -3.93 15.32 -19.87
CA ARG A 278 -3.91 15.12 -21.32
C ARG A 278 -2.99 16.12 -22.00
N SER A 279 -2.96 17.36 -21.50
CA SER A 279 -2.20 18.39 -22.17
C SER A 279 -0.70 18.27 -21.92
N ASP A 280 -0.30 17.62 -20.82
CA ASP A 280 1.10 17.29 -20.58
C ASP A 280 1.20 15.90 -19.98
N PRO A 281 1.33 14.87 -20.82
CA PRO A 281 1.42 13.50 -20.30
C PRO A 281 2.62 13.24 -19.41
N THR A 282 3.64 14.11 -19.44
CA THR A 282 4.77 13.92 -18.53
C THR A 282 4.39 14.22 -17.08
N LEU A 283 3.18 14.73 -16.83
CA LEU A 283 2.67 14.81 -15.47
C LEU A 283 2.20 13.47 -14.92
N ALA A 284 2.32 12.39 -15.69
CA ALA A 284 1.72 11.11 -15.31
C ALA A 284 2.27 10.60 -13.98
N ARG A 285 3.60 10.65 -13.80
CA ARG A 285 4.19 10.12 -12.57
C ARG A 285 3.70 10.90 -11.36
N ASN A 286 3.67 12.23 -11.44
CA ASN A 286 3.21 12.99 -10.28
C ASN A 286 1.71 12.86 -10.08
N ALA A 287 0.94 12.69 -11.16
CA ALA A 287 -0.49 12.46 -11.00
C ALA A 287 -0.74 11.18 -10.19
N PHE A 288 0.09 10.16 -10.39
CA PHE A 288 -0.05 8.94 -9.61
C PHE A 288 0.40 9.15 -8.18
N GLU A 289 1.51 9.87 -8.00
CA GLU A 289 1.99 10.15 -6.65
C GLU A 289 0.96 10.94 -5.86
N GLU A 290 0.30 11.90 -6.50
CA GLU A 290 -0.74 12.66 -5.84
C GLU A 290 -1.93 11.78 -5.48
N ALA A 291 -2.25 10.80 -6.32
CA ALA A 291 -3.33 9.88 -5.99
C ALA A 291 -2.98 9.05 -4.76
N VAL A 292 -1.70 8.66 -4.64
CA VAL A 292 -1.27 7.93 -3.45
C VAL A 292 -1.40 8.80 -2.19
N ARG A 293 -1.03 10.07 -2.28
CA ARG A 293 -1.25 10.98 -1.15
C ARG A 293 -2.73 11.11 -0.84
N PHE A 294 -3.55 11.30 -1.88
CA PHE A 294 -4.94 11.72 -1.71
C PHE A 294 -5.82 10.58 -1.21
N GLU A 295 -5.64 9.38 -1.76
CA GLU A 295 -6.42 8.21 -1.38
C GLU A 295 -5.44 7.12 -1.02
N SER A 296 -4.69 7.35 0.05
CA SER A 296 -3.61 6.54 0.59
C SER A 296 -3.99 5.08 0.71
N PRO A 297 -3.50 4.24 -0.21
CA PRO A 297 -3.91 2.82 -0.18
C PRO A 297 -3.64 2.13 1.14
N VAL A 298 -2.52 2.42 1.80
CA VAL A 298 -2.30 1.98 3.17
C VAL A 298 -2.71 3.12 4.08
N GLN A 299 -3.78 2.89 4.86
CA GLN A 299 -4.30 3.94 5.72
C GLN A 299 -3.57 4.03 7.05
N THR A 300 -3.12 2.89 7.57
CA THR A 300 -2.67 2.78 8.95
C THR A 300 -1.58 1.73 9.05
N PHE A 301 -0.65 1.96 9.98
CA PHE A 301 0.22 0.92 10.50
C PHE A 301 0.46 1.22 11.97
N PHE A 302 0.86 0.20 12.73
CA PHE A 302 1.18 0.34 14.13
C PHE A 302 2.69 0.27 14.35
N ARG A 303 3.12 0.83 15.48
CA ARG A 303 4.43 0.57 16.08
C ARG A 303 4.21 0.20 17.54
N THR A 304 5.25 -0.35 18.18
CA THR A 304 5.19 -0.66 19.60
C THR A 304 6.35 0.03 20.31
N THR A 305 6.05 0.72 21.41
CA THR A 305 7.11 1.42 22.13
C THR A 305 8.03 0.43 22.82
N THR A 306 9.33 0.71 22.76
CA THR A 306 10.33 -0.12 23.43
C THR A 306 10.80 0.49 24.75
N ARG A 307 10.34 1.70 25.06
CA ARG A 307 10.71 2.43 26.26
C ARG A 307 9.64 3.48 26.50
N GLU A 308 9.66 4.05 27.70
CA GLU A 308 8.87 5.24 27.94
C GLU A 308 9.37 6.37 27.05
N VAL A 309 8.44 7.11 26.45
CA VAL A 309 8.81 8.13 25.47
C VAL A 309 7.83 9.29 25.59
N GLU A 310 8.36 10.50 25.45
CA GLU A 310 7.53 11.69 25.36
C GLU A 310 7.31 12.01 23.87
N LEU A 311 6.04 12.09 23.47
CA LEU A 311 5.69 12.35 22.09
C LEU A 311 4.57 13.37 22.07
N GLY A 312 4.81 14.50 21.39
CA GLY A 312 3.80 15.55 21.33
C GLY A 312 3.29 15.97 22.69
N GLY A 313 4.18 16.13 23.66
CA GLY A 313 3.79 16.50 25.01
C GLY A 313 3.15 15.40 25.83
N ALA A 314 3.08 14.18 25.30
CA ALA A 314 2.48 13.05 25.98
C ALA A 314 3.55 12.05 26.39
N VAL A 315 3.36 11.43 27.55
CA VAL A 315 4.25 10.37 28.03
C VAL A 315 3.59 9.03 27.74
N ILE A 316 4.25 8.21 26.93
CA ILE A 316 3.75 6.88 26.55
C ILE A 316 4.68 5.84 27.16
N GLY A 317 4.10 4.88 27.88
CA GLY A 317 4.89 3.84 28.49
C GLY A 317 5.46 2.85 27.49
N GLU A 318 6.37 2.03 28.01
CA GLU A 318 6.92 0.91 27.26
C GLU A 318 5.82 -0.08 26.89
N GLY A 319 5.99 -0.76 25.77
CA GLY A 319 5.11 -1.84 25.40
C GLY A 319 3.72 -1.41 24.97
N GLU A 320 3.58 -0.20 24.44
CA GLU A 320 2.28 0.34 24.04
C GLU A 320 2.19 0.36 22.53
N LYS A 321 1.00 0.07 22.00
CA LYS A 321 0.79 0.16 20.55
C LYS A 321 0.44 1.59 20.18
N VAL A 322 1.06 2.06 19.10
CA VAL A 322 0.82 3.40 18.58
C VAL A 322 0.33 3.25 17.14
N LEU A 323 -0.87 3.75 16.88
CA LEU A 323 -1.48 3.66 15.55
C LEU A 323 -1.19 4.94 14.78
N MET A 324 -0.57 4.80 13.61
CA MET A 324 -0.25 5.91 12.74
C MET A 324 -1.30 6.03 11.64
N PHE A 325 -1.92 7.20 11.52
CA PHE A 325 -2.90 7.44 10.46
C PHE A 325 -2.19 8.08 9.28
N LEU A 326 -1.68 7.25 8.36
CA LEU A 326 -0.94 7.75 7.20
C LEU A 326 -1.83 8.57 6.28
N GLY A 327 -3.05 8.10 6.02
CA GLY A 327 -3.96 8.87 5.18
C GLY A 327 -4.30 10.22 5.78
N SER A 328 -4.49 10.26 7.10
CA SER A 328 -4.75 11.53 7.77
C SER A 328 -3.55 12.47 7.69
N ALA A 329 -2.34 11.93 7.91
CA ALA A 329 -1.14 12.75 7.81
C ALA A 329 -1.02 13.36 6.41
N ASN A 330 -1.43 12.61 5.39
CA ASN A 330 -1.39 13.07 4.01
C ASN A 330 -2.48 14.08 3.67
N ARG A 331 -3.40 14.35 4.61
CA ARG A 331 -4.43 15.39 4.43
C ARG A 331 -4.42 16.41 5.57
N ASP A 332 -3.36 16.45 6.35
CA ASP A 332 -3.25 17.36 7.48
C ASP A 332 -3.05 18.78 6.96
N PRO A 333 -3.96 19.71 7.20
CA PRO A 333 -3.76 21.09 6.69
C PRO A 333 -2.60 21.81 7.34
N ARG A 334 -2.08 21.29 8.46
CA ARG A 334 -0.86 21.83 9.06
C ARG A 334 0.35 21.64 8.16
N ARG A 335 0.30 20.66 7.27
CA ARG A 335 1.37 20.33 6.34
C ARG A 335 1.04 20.64 4.90
N TRP A 336 -0.21 20.48 4.48
CA TRP A 336 -0.59 20.58 3.07
C TRP A 336 -1.54 21.74 2.83
N SER A 337 -1.32 22.47 1.75
CA SER A 337 -2.26 23.48 1.30
C SER A 337 -3.40 22.80 0.56
N ASP A 338 -4.64 23.13 0.91
CA ASP A 338 -5.82 22.54 0.30
C ASP A 338 -5.69 21.02 0.22
N PRO A 339 -5.50 20.35 1.37
CA PRO A 339 -5.21 18.92 1.35
C PRO A 339 -6.27 18.07 0.68
N ASP A 340 -7.51 18.53 0.68
CA ASP A 340 -8.62 17.73 0.15
C ASP A 340 -8.86 17.99 -1.33
N LEU A 341 -7.92 18.64 -2.01
CA LEU A 341 -7.94 18.81 -3.46
C LEU A 341 -6.95 17.85 -4.11
N TYR A 342 -7.39 17.23 -5.21
CA TYR A 342 -6.51 16.41 -6.05
C TYR A 342 -5.82 17.35 -7.06
N ASP A 343 -4.50 17.51 -6.95
CA ASP A 343 -3.75 18.47 -7.75
C ASP A 343 -2.54 17.80 -8.36
N ILE A 344 -2.55 17.57 -9.67
CA ILE A 344 -1.49 16.76 -10.25
C ILE A 344 -0.17 17.49 -10.40
N THR A 345 -0.12 18.80 -10.13
CA THR A 345 1.16 19.50 -10.06
C THR A 345 1.58 19.83 -8.63
N ARG A 346 0.90 19.28 -7.64
CA ARG A 346 1.31 19.46 -6.25
C ARG A 346 2.72 18.95 -6.03
N LYS A 347 3.49 19.68 -5.24
CA LYS A 347 4.75 19.15 -4.72
C LYS A 347 4.42 18.09 -3.68
N THR A 348 4.50 16.82 -4.09
CA THR A 348 4.08 15.69 -3.27
C THR A 348 5.19 15.17 -2.35
N SER A 349 6.43 15.63 -2.54
CA SER A 349 7.56 15.13 -1.76
C SER A 349 7.30 15.27 -0.27
N GLY A 350 7.51 14.17 0.45
CA GLY A 350 7.28 14.18 1.88
C GLY A 350 5.99 13.54 2.34
N HIS A 351 5.06 13.23 1.44
CA HIS A 351 3.89 12.48 1.87
C HIS A 351 4.32 11.11 2.41
N VAL A 352 3.46 10.53 3.25
CA VAL A 352 3.83 9.29 3.92
C VAL A 352 3.00 8.10 3.44
N GLY A 353 2.44 8.17 2.23
CA GLY A 353 1.69 7.04 1.70
C GLY A 353 2.56 5.81 1.46
N PHE A 354 3.87 5.99 1.29
CA PHE A 354 4.82 4.89 1.20
C PHE A 354 5.61 4.73 2.50
N GLY A 355 5.18 5.39 3.57
CA GLY A 355 5.96 5.40 4.80
C GLY A 355 7.07 6.43 4.74
N SER A 356 8.04 6.28 5.65
CA SER A 356 9.13 7.23 5.77
C SER A 356 10.21 6.60 6.65
N GLY A 357 11.47 6.78 6.26
CA GLY A 357 12.57 6.27 7.05
C GLY A 357 13.02 4.88 6.63
N VAL A 358 13.42 4.04 7.60
CA VAL A 358 14.14 2.82 7.25
C VAL A 358 13.23 1.78 6.60
N HIS A 359 11.93 1.81 6.87
CA HIS A 359 11.01 0.86 6.27
C HIS A 359 10.27 1.45 5.07
N MET A 360 10.62 2.65 4.61
CA MET A 360 9.87 3.26 3.53
C MET A 360 9.82 2.32 2.33
N CYS A 361 8.63 2.16 1.77
CA CYS A 361 8.31 1.11 0.80
C CYS A 361 9.46 0.73 -0.13
N VAL A 362 10.00 -0.48 0.03
CA VAL A 362 11.11 -0.88 -0.82
C VAL A 362 10.64 -1.18 -2.25
N GLY A 363 9.34 -1.33 -2.45
CA GLY A 363 8.83 -1.56 -3.80
C GLY A 363 8.28 -0.32 -4.47
N GLN A 364 8.57 0.87 -3.94
CA GLN A 364 7.94 2.08 -4.46
C GLN A 364 8.27 2.32 -5.93
N LEU A 365 9.45 1.92 -6.40
CA LEU A 365 9.77 2.15 -7.81
C LEU A 365 8.92 1.28 -8.73
N VAL A 366 8.57 0.06 -8.29
CA VAL A 366 7.66 -0.79 -9.07
C VAL A 366 6.27 -0.17 -9.13
N ALA A 367 5.73 0.24 -7.98
CA ALA A 367 4.41 0.83 -7.94
C ALA A 367 4.35 2.10 -8.80
N ARG A 368 5.36 2.96 -8.65
CA ARG A 368 5.38 4.19 -9.44
C ARG A 368 5.51 3.90 -10.92
N LEU A 369 6.32 2.91 -11.31
CA LEU A 369 6.43 2.56 -12.73
C LEU A 369 5.08 2.17 -13.29
N GLU A 370 4.36 1.28 -12.60
CA GLU A 370 3.05 0.83 -13.07
C GLU A 370 2.07 1.99 -13.14
N GLY A 371 1.99 2.77 -12.06
CA GLY A 371 1.09 3.91 -12.05
C GLY A 371 1.42 4.92 -13.13
N GLU A 372 2.70 5.26 -13.28
CA GLU A 372 3.11 6.21 -14.32
C GLU A 372 2.69 5.74 -15.70
N VAL A 373 3.03 4.50 -16.06
CA VAL A 373 2.83 4.11 -17.46
C VAL A 373 1.34 3.89 -17.75
N MET A 374 0.56 3.51 -16.74
CA MET A 374 -0.89 3.45 -16.96
C MET A 374 -1.47 4.85 -17.12
N LEU A 375 -1.09 5.79 -16.25
CA LEU A 375 -1.64 7.13 -16.39
C LEU A 375 -1.14 7.80 -17.67
N SER A 376 0.05 7.45 -18.13
CA SER A 376 0.55 7.98 -19.40
C SER A 376 -0.29 7.48 -20.58
N ALA A 377 -0.66 6.20 -20.56
CA ALA A 377 -1.49 5.65 -21.63
C ALA A 377 -2.88 6.29 -21.63
N LEU A 378 -3.46 6.50 -20.44
CA LEU A 378 -4.71 7.24 -20.35
C LEU A 378 -4.54 8.66 -20.89
N ALA A 379 -3.46 9.34 -20.49
CA ALA A 379 -3.26 10.72 -20.91
C ALA A 379 -3.19 10.85 -22.42
N ARG A 380 -2.59 9.86 -23.09
CA ARG A 380 -2.40 9.95 -24.53
C ARG A 380 -3.58 9.40 -25.33
N LYS A 381 -4.42 8.56 -24.74
CA LYS A 381 -5.42 7.84 -25.51
C LYS A 381 -6.86 8.16 -25.16
N VAL A 382 -7.12 8.80 -24.02
CA VAL A 382 -8.48 8.96 -23.50
C VAL A 382 -8.79 10.44 -23.39
N ALA A 383 -9.96 10.83 -23.90
CA ALA A 383 -10.42 12.20 -23.80
C ALA A 383 -11.28 12.46 -22.57
N ALA A 384 -12.04 11.46 -22.13
CA ALA A 384 -12.94 11.65 -21.02
C ALA A 384 -13.10 10.34 -20.24
N ILE A 385 -13.32 10.46 -18.94
CA ILE A 385 -13.59 9.34 -18.06
C ILE A 385 -14.80 9.74 -17.22
N ASP A 386 -15.94 9.09 -17.46
CA ASP A 386 -17.19 9.45 -16.81
C ASP A 386 -17.69 8.25 -16.02
N ILE A 387 -17.94 8.45 -14.73
CA ILE A 387 -18.57 7.40 -13.93
C ILE A 387 -19.97 7.18 -14.45
N ASP A 388 -20.32 5.93 -14.73
CA ASP A 388 -21.62 5.63 -15.32
C ASP A 388 -22.30 4.47 -14.63
N GLY A 389 -22.00 4.27 -13.35
CA GLY A 389 -22.62 3.25 -12.55
C GLY A 389 -22.31 3.45 -11.08
N PRO A 390 -22.92 2.63 -10.23
CA PRO A 390 -22.69 2.76 -8.78
C PRO A 390 -21.25 2.43 -8.40
N VAL A 391 -20.63 3.32 -7.64
CA VAL A 391 -19.28 3.10 -7.14
C VAL A 391 -19.36 2.34 -5.82
N LYS A 392 -18.60 1.25 -5.70
CA LYS A 392 -18.64 0.40 -4.52
C LYS A 392 -17.27 0.38 -3.84
N ARG A 393 -17.27 0.50 -2.52
CA ARG A 393 -16.05 0.52 -1.73
C ARG A 393 -15.65 -0.89 -1.31
N ARG A 394 -14.34 -1.12 -1.25
CA ARG A 394 -13.78 -2.37 -0.77
C ARG A 394 -13.28 -2.14 0.65
N PHE A 395 -13.76 -2.94 1.60
CA PHE A 395 -13.43 -2.72 3.00
C PHE A 395 -12.30 -3.65 3.43
N ASN A 396 -11.31 -3.07 4.11
CA ASN A 396 -10.15 -3.81 4.61
C ASN A 396 -9.63 -3.08 5.84
N ASN A 397 -9.18 -3.83 6.85
CA ASN A 397 -8.73 -3.19 8.08
C ASN A 397 -7.56 -2.25 7.85
N THR A 398 -6.77 -2.48 6.80
CA THR A 398 -5.58 -1.67 6.55
C THR A 398 -5.63 -0.90 5.25
N LEU A 399 -6.26 -1.43 4.20
CA LEU A 399 -6.23 -0.79 2.90
C LEU A 399 -7.50 0.00 2.61
N ARG A 400 -7.33 1.14 1.93
CA ARG A 400 -8.44 1.89 1.37
C ARG A 400 -8.44 1.66 -0.14
N GLY A 401 -9.60 1.37 -0.69
CA GLY A 401 -9.72 1.22 -2.14
C GLY A 401 -11.14 0.88 -2.52
N LEU A 402 -11.35 0.79 -3.83
CA LEU A 402 -12.68 0.58 -4.39
C LEU A 402 -12.86 -0.86 -4.84
N GLU A 403 -14.09 -1.34 -4.74
CA GLU A 403 -14.48 -2.64 -5.25
C GLU A 403 -14.90 -2.58 -6.72
N SER A 404 -15.63 -1.53 -7.10
CA SER A 404 -16.14 -1.38 -8.45
C SER A 404 -16.20 0.10 -8.80
N LEU A 405 -15.77 0.42 -10.02
CA LEU A 405 -15.75 1.80 -10.51
C LEU A 405 -16.17 1.79 -11.96
N PRO A 406 -17.48 1.73 -12.22
CA PRO A 406 -17.97 1.72 -13.60
C PRO A 406 -17.70 3.06 -14.28
N VAL A 407 -16.98 3.03 -15.40
CA VAL A 407 -16.69 4.25 -16.14
C VAL A 407 -16.90 4.01 -17.63
N LYS A 408 -17.24 5.10 -18.34
CA LYS A 408 -17.16 5.15 -19.78
C LYS A 408 -15.89 5.89 -20.15
N LEU A 409 -15.09 5.27 -21.03
CA LEU A 409 -13.88 5.87 -21.55
C LEU A 409 -14.18 6.42 -22.95
N THR A 410 -13.97 7.72 -23.14
CA THR A 410 -14.09 8.27 -24.49
C THR A 410 -12.72 8.40 -25.13
N PRO A 411 -12.51 7.88 -26.34
CA PRO A 411 -11.17 7.97 -26.95
C PRO A 411 -10.84 9.39 -27.38
N ALA A 412 -9.55 9.70 -27.35
CA ALA A 412 -9.07 10.99 -27.85
C ALA A 412 -8.76 10.89 -29.32
CHA HEM B . 6.64 -1.05 2.89
CHB HEM B . 2.85 1.33 1.00
CHC HEM B . 3.70 -0.92 -3.20
CHD HEM B . 6.66 -4.02 -0.96
C1A HEM B . 5.60 -0.16 2.73
C2A HEM B . 5.16 0.82 3.71
C3A HEM B . 4.12 1.47 3.17
C4A HEM B . 3.84 0.93 1.87
CMA HEM B . 3.32 2.61 3.88
CAA HEM B . 5.78 1.12 5.09
CBA HEM B . 5.50 0.06 6.15
CGA HEM B . 5.96 0.49 7.52
O1A HEM B . 6.55 1.59 7.69
O2A HEM B . 5.77 -0.31 8.48
C1B HEM B . 2.79 0.95 -0.33
C2B HEM B . 1.91 1.53 -1.34
C3B HEM B . 2.15 0.91 -2.50
C4B HEM B . 3.18 -0.09 -2.26
CMB HEM B . 0.92 2.67 -1.02
CAB HEM B . 1.51 1.13 -3.88
CBB HEM B . 0.98 2.31 -4.24
C1C HEM B . 4.57 -1.96 -2.97
C2C HEM B . 5.07 -2.86 -3.98
C3C HEM B . 5.89 -3.73 -3.35
C4C HEM B . 5.93 -3.39 -1.96
CMC HEM B . 4.67 -2.79 -5.47
CAC HEM B . 6.71 -4.92 -3.92
CBC HEM B . 7.04 -5.03 -5.21
C1D HEM B . 6.93 -3.49 0.29
C2D HEM B . 7.78 -4.06 1.30
C3D HEM B . 7.78 -3.25 2.36
C4D HEM B . 6.92 -2.12 2.06
CMD HEM B . 8.54 -5.39 1.17
CAD HEM B . 8.56 -3.44 3.68
CBD HEM B . 9.82 -2.56 3.60
CGD HEM B . 10.59 -2.54 4.91
O1D HEM B . 11.78 -2.13 4.90
O2D HEM B . 10.00 -2.94 5.95
NA HEM B . 4.77 -0.08 1.63
NB HEM B . 3.54 -0.02 -0.92
NC HEM B . 5.13 -2.30 -1.75
ND HEM B . 6.41 -2.32 0.78
FE HEM B . 5.07 -1.08 -0.15
C01 L6X C . 4.88 -6.95 3.84
C02 L6X C . 3.49 -7.09 3.91
C03 L6X C . 2.70 -5.98 3.70
C04 L6X C . 3.28 -4.75 3.43
C05 L6X C . 4.66 -4.61 3.37
C06 L6X C . 5.46 -5.72 3.58
C08 L6X C . 3.09 -2.42 3.39
C10 L6X C . 5.73 -8.18 4.11
O07 L6X C . 2.45 -3.66 3.21
O09 L6X C . 1.31 -6.11 3.76
O11 L6X C . 6.97 -8.05 4.25
O12 L6X C . 5.17 -9.29 4.20
C1 GOL D . 14.71 0.48 -4.39
O1 GOL D . 16.08 0.35 -4.74
C2 GOL D . 14.60 1.43 -3.14
O2 GOL D . 13.29 1.82 -2.93
C3 GOL D . 15.07 0.58 -1.96
O3 GOL D . 15.55 1.42 -0.94
#